data_1LBU
#
_entry.id   1LBU
#
_cell.length_a   51.080
_cell.length_b   49.700
_cell.length_c   38.650
_cell.angle_alpha   90.00
_cell.angle_beta   100.60
_cell.angle_gamma   90.00
#
_symmetry.space_group_name_H-M   'P 1 21 1'
#
loop_
_entity.id
_entity.type
_entity.pdbx_description
1 polymer 'MURAMOYL-PENTAPEPTIDE CARBOXYPEPTIDASE'
2 non-polymer 'ZINC ION'
3 water water
#
_entity_poly.entity_id   1
_entity_poly.type   'polypeptide(L)'
_entity_poly.pdbx_seq_one_letter_code
;DGCYTWSGTLSEGSSGEAVRQLQIRVAGYPGTGAQLAIDGQFGPATKAAVQRFQSAYGLAADGIAGPATFNKIYQLQDDD
CTPVNFTYAELNRCNSDWSGGKVSAATARANALVTMWKLQAMRHAMGDKPITVNGGFRSVTCNSNVGGASNSRHMYGHAA
DLGAGSQGFCALAQAARNHGFTEILGPGYPGHNDHTHVAGGDGRFWSAPSCGI
;
_entity_poly.pdbx_strand_id   A
#
loop_
_chem_comp.id
_chem_comp.type
_chem_comp.name
_chem_comp.formula
ZN non-polymer 'ZINC ION' 'Zn 2'
#
# COMPACT_ATOMS: atom_id res chain seq x y z
N ASP A 1 19.22 12.76 7.54
CA ASP A 1 18.60 12.98 6.20
C ASP A 1 19.00 11.85 5.25
N GLY A 2 18.10 10.90 4.97
CA GLY A 2 18.40 9.80 4.12
C GLY A 2 17.74 9.24 2.94
N CYS A 3 16.51 8.79 3.01
CA CYS A 3 15.74 8.18 1.93
C CYS A 3 15.69 9.06 0.66
N TYR A 4 14.98 10.14 0.81
CA TYR A 4 14.77 11.10 -0.31
C TYR A 4 14.47 12.46 0.23
N THR A 5 14.92 13.52 -0.42
CA THR A 5 14.65 14.91 0.04
C THR A 5 14.01 15.66 -1.14
N TRP A 6 12.87 16.29 -0.89
CA TRP A 6 12.23 17.05 -2.04
C TRP A 6 12.91 18.41 -2.10
N SER A 7 13.24 18.87 -3.30
CA SER A 7 13.93 20.18 -3.44
C SER A 7 13.03 21.36 -3.49
N GLY A 8 11.81 21.21 -3.95
CA GLY A 8 10.87 22.34 -4.01
C GLY A 8 9.45 21.83 -4.28
N THR A 9 8.53 22.75 -4.16
CA THR A 9 7.10 22.56 -4.33
C THR A 9 6.74 21.89 -5.67
N LEU A 10 5.70 21.11 -5.58
CA LEU A 10 5.14 20.35 -6.72
C LEU A 10 3.67 20.64 -6.84
N SER A 11 3.21 20.84 -8.10
CA SER A 11 1.79 21.09 -8.34
C SER A 11 1.54 20.54 -9.76
N GLU A 12 0.31 20.57 -10.15
CA GLU A 12 -0.12 20.06 -11.50
C GLU A 12 0.78 20.65 -12.58
N GLY A 13 1.27 19.76 -13.45
CA GLY A 13 2.15 20.20 -14.53
C GLY A 13 3.54 19.75 -14.25
N SER A 14 3.81 19.42 -12.96
CA SER A 14 5.15 18.92 -12.60
C SER A 14 5.33 17.52 -13.11
N SER A 15 6.53 17.11 -13.34
CA SER A 15 6.88 15.76 -13.81
C SER A 15 8.32 15.43 -13.43
N GLY A 16 8.62 14.19 -13.20
CA GLY A 16 9.99 13.81 -12.79
C GLY A 16 9.89 12.79 -11.63
N GLU A 17 11.08 12.40 -11.21
CA GLU A 17 11.29 11.42 -10.14
C GLU A 17 10.72 11.91 -8.82
N ALA A 18 10.82 13.24 -8.66
CA ALA A 18 10.29 13.89 -7.45
C ALA A 18 8.77 13.62 -7.39
N VAL A 19 8.18 13.65 -8.66
CA VAL A 19 6.73 13.40 -8.69
C VAL A 19 6.45 11.91 -8.47
N ARG A 20 7.21 11.04 -9.07
CA ARG A 20 7.07 9.59 -8.93
C ARG A 20 7.17 9.22 -7.43
N GLN A 21 8.18 9.79 -6.77
CA GLN A 21 8.40 9.49 -5.28
C GLN A 21 7.24 9.94 -4.44
N LEU A 22 6.67 11.12 -4.70
CA LEU A 22 5.52 11.66 -3.94
C LEU A 22 4.30 10.79 -4.20
N GLN A 23 4.14 10.32 -5.48
CA GLN A 23 2.94 9.48 -5.75
C GLN A 23 2.98 8.24 -4.89
N ILE A 24 4.14 7.66 -4.71
CA ILE A 24 4.26 6.43 -3.84
C ILE A 24 3.71 6.74 -2.41
N ARG A 25 4.14 7.88 -1.87
CA ARG A 25 3.80 8.29 -0.51
C ARG A 25 2.32 8.47 -0.32
N VAL A 26 1.63 8.97 -1.36
CA VAL A 26 0.20 9.23 -1.27
C VAL A 26 -0.60 8.19 -2.01
N ALA A 27 0.01 7.08 -2.37
CA ALA A 27 -0.74 6.02 -3.12
C ALA A 27 -1.91 5.50 -2.29
N GLY A 28 -1.89 5.69 -0.97
CA GLY A 28 -2.96 5.23 -0.06
C GLY A 28 -4.18 6.16 -0.10
N TYR A 29 -4.15 7.19 -0.90
CA TYR A 29 -5.26 8.14 -0.99
C TYR A 29 -5.83 8.37 -2.41
N PRO A 30 -6.21 7.33 -3.15
CA PRO A 30 -6.74 7.50 -4.51
C PRO A 30 -8.20 7.73 -4.67
N GLY A 31 -8.97 7.61 -3.62
CA GLY A 31 -10.45 7.75 -3.61
C GLY A 31 -10.97 6.29 -3.60
N THR A 32 -12.20 6.15 -3.13
CA THR A 32 -12.79 4.78 -3.08
C THR A 32 -12.84 4.10 -4.44
N GLY A 33 -12.41 2.86 -4.49
CA GLY A 33 -12.43 2.06 -5.73
C GLY A 33 -11.61 2.57 -6.89
N ALA A 34 -10.55 3.33 -6.63
CA ALA A 34 -9.63 3.89 -7.63
C ALA A 34 -8.21 3.50 -7.23
N GLN A 35 -7.30 3.69 -8.13
CA GLN A 35 -5.86 3.40 -8.00
C GLN A 35 -5.03 4.53 -8.60
N LEU A 36 -4.07 5.10 -7.83
CA LEU A 36 -3.26 6.17 -8.43
C LEU A 36 -2.18 5.56 -9.36
N ALA A 37 -1.98 6.15 -10.57
CA ALA A 37 -0.96 5.64 -11.49
C ALA A 37 0.38 6.20 -11.04
N ILE A 38 1.40 5.41 -10.90
CA ILE A 38 2.73 5.94 -10.49
C ILE A 38 3.53 6.10 -11.80
N ASP A 39 3.28 7.24 -12.41
CA ASP A 39 3.90 7.62 -13.70
C ASP A 39 4.75 8.86 -13.68
N GLY A 40 4.96 9.49 -12.53
CA GLY A 40 5.85 10.69 -12.53
C GLY A 40 5.23 11.92 -13.11
N GLN A 41 3.94 11.91 -13.45
CA GLN A 41 3.28 13.11 -14.02
C GLN A 41 2.29 13.62 -13.01
N PHE A 42 2.39 14.83 -12.55
CA PHE A 42 1.45 15.43 -11.58
C PHE A 42 0.22 15.96 -12.29
N GLY A 43 -0.83 15.15 -12.30
CA GLY A 43 -2.11 15.58 -12.97
C GLY A 43 -3.15 15.73 -11.86
N PRO A 44 -4.38 15.89 -12.27
CA PRO A 44 -5.49 16.08 -11.36
C PRO A 44 -5.66 14.92 -10.39
N ALA A 45 -5.30 13.76 -10.82
CA ALA A 45 -5.57 12.60 -9.83
C ALA A 45 -4.56 12.68 -8.68
N THR A 46 -3.41 13.21 -9.00
CA THR A 46 -2.27 13.40 -8.06
C THR A 46 -2.59 14.54 -7.12
N LYS A 47 -3.15 15.60 -7.66
CA LYS A 47 -3.55 16.76 -6.79
C LYS A 47 -4.61 16.27 -5.78
N ALA A 48 -5.57 15.50 -6.24
CA ALA A 48 -6.63 14.96 -5.34
C ALA A 48 -6.02 14.11 -4.24
N ALA A 49 -5.09 13.23 -4.63
CA ALA A 49 -4.46 12.35 -3.59
C ALA A 49 -3.73 13.16 -2.52
N VAL A 50 -3.00 14.18 -3.02
CA VAL A 50 -2.25 15.04 -2.06
C VAL A 50 -3.21 15.73 -1.12
N GLN A 51 -4.35 16.23 -1.64
CA GLN A 51 -5.32 16.94 -0.82
C GLN A 51 -5.85 16.05 0.34
N ARG A 52 -6.10 14.81 -0.06
CA ARG A 52 -6.63 13.78 0.91
C ARG A 52 -5.61 13.48 2.01
N PHE A 53 -4.34 13.42 1.62
CA PHE A 53 -3.25 13.17 2.58
C PHE A 53 -3.16 14.34 3.57
N GLN A 54 -3.18 15.54 2.97
CA GLN A 54 -3.06 16.77 3.79
C GLN A 54 -4.20 16.77 4.82
N SER A 55 -5.39 16.50 4.33
CA SER A 55 -6.57 16.48 5.22
C SER A 55 -6.48 15.43 6.37
N ALA A 56 -5.95 14.29 6.04
CA ALA A 56 -5.84 13.18 6.99
C ALA A 56 -4.92 13.48 8.15
N TYR A 57 -3.98 14.39 7.92
CA TYR A 57 -3.02 14.72 9.03
C TYR A 57 -3.19 16.15 9.52
N GLY A 58 -4.32 16.81 9.25
CA GLY A 58 -4.58 18.15 9.70
C GLY A 58 -3.67 19.25 9.21
N LEU A 59 -3.33 19.16 7.89
CA LEU A 59 -2.53 20.15 7.17
C LEU A 59 -3.58 20.92 6.28
N ALA A 60 -3.13 22.05 5.78
CA ALA A 60 -3.98 22.89 4.85
C ALA A 60 -4.05 22.03 3.57
N ALA A 61 -5.26 21.69 3.22
CA ALA A 61 -5.54 20.83 2.06
C ALA A 61 -5.72 21.64 0.77
N ASP A 62 -4.66 22.01 0.10
CA ASP A 62 -4.80 22.78 -1.18
C ASP A 62 -4.38 21.95 -2.39
N GLY A 63 -3.87 20.79 -2.15
CA GLY A 63 -3.40 19.90 -3.24
C GLY A 63 -2.05 20.28 -3.83
N ILE A 64 -1.31 21.14 -3.17
CA ILE A 64 0.03 21.58 -3.55
C ILE A 64 1.05 20.98 -2.60
N ALA A 65 2.01 20.22 -3.11
CA ALA A 65 3.06 19.61 -2.23
C ALA A 65 4.15 20.65 -1.95
N GLY A 66 4.04 21.28 -0.78
CA GLY A 66 5.04 22.31 -0.36
C GLY A 66 5.84 21.72 0.79
N PRO A 67 6.59 22.60 1.49
CA PRO A 67 7.46 22.14 2.56
C PRO A 67 6.76 21.53 3.79
N ALA A 68 5.52 21.85 4.07
CA ALA A 68 4.84 21.30 5.28
C ALA A 68 4.32 19.89 5.01
N THR A 69 4.04 19.75 3.68
CA THR A 69 3.53 18.49 3.16
C THR A 69 4.75 17.57 3.19
N PHE A 70 5.91 18.09 2.78
CA PHE A 70 7.14 17.21 2.85
C PHE A 70 7.58 16.92 4.29
N ASN A 71 7.46 17.83 5.22
CA ASN A 71 7.82 17.66 6.67
C ASN A 71 6.93 16.54 7.30
N LYS A 72 5.72 16.43 6.85
CA LYS A 72 4.81 15.34 7.41
C LYS A 72 5.29 14.05 6.85
N ILE A 73 5.55 13.95 5.51
CA ILE A 73 6.09 12.71 4.93
C ILE A 73 7.40 12.36 5.69
N TYR A 74 8.26 13.37 5.94
CA TYR A 74 9.50 13.07 6.63
C TYR A 74 9.22 12.41 8.01
N GLN A 75 8.13 12.78 8.63
CA GLN A 75 7.80 12.17 9.96
C GLN A 75 7.33 10.73 9.86
N LEU A 76 6.80 10.36 8.70
CA LEU A 76 6.31 9.00 8.45
C LEU A 76 7.32 8.11 7.76
N GLN A 77 8.41 8.66 7.28
CA GLN A 77 9.44 7.96 6.53
C GLN A 77 10.62 7.48 7.39
N ASP A 78 10.94 6.23 7.17
CA ASP A 78 12.09 5.57 7.84
C ASP A 78 13.30 5.75 6.87
N ASP A 79 14.46 5.48 7.43
CA ASP A 79 15.72 5.57 6.73
C ASP A 79 15.73 4.90 5.33
N ASP A 80 15.17 3.71 5.32
CA ASP A 80 15.09 2.85 4.14
C ASP A 80 13.92 3.18 3.22
N CYS A 81 13.23 4.28 3.51
CA CYS A 81 12.12 4.73 2.66
C CYS A 81 10.80 4.03 3.02
N THR A 82 10.89 3.04 3.90
CA THR A 82 9.50 2.41 4.26
C THR A 82 8.86 3.36 5.20
N PRO A 83 7.51 3.25 5.40
CA PRO A 83 6.78 4.07 6.35
C PRO A 83 7.17 3.59 7.78
N VAL A 84 6.96 4.42 8.80
CA VAL A 84 7.32 4.16 10.19
C VAL A 84 6.74 2.91 10.83
N ASN A 85 5.58 2.46 10.38
CA ASN A 85 4.94 1.32 11.03
C ASN A 85 5.04 -0.02 10.29
N PHE A 86 5.71 -0.09 9.18
CA PHE A 86 5.84 -1.33 8.40
C PHE A 86 7.31 -1.52 8.00
N THR A 87 7.73 -2.75 7.80
CA THR A 87 9.08 -3.03 7.36
C THR A 87 9.10 -4.10 6.24
N TYR A 88 10.24 -4.12 5.54
CA TYR A 88 10.43 -5.12 4.46
C TYR A 88 10.32 -6.55 5.04
N ALA A 89 11.02 -6.81 6.16
CA ALA A 89 11.03 -8.15 6.80
C ALA A 89 9.62 -8.64 7.17
N GLU A 90 8.82 -7.72 7.67
CA GLU A 90 7.43 -8.07 8.07
C GLU A 90 6.62 -8.42 6.83
N LEU A 91 7.07 -7.84 5.68
CA LEU A 91 6.38 -8.07 4.37
C LEU A 91 6.96 -9.23 3.62
N ASN A 92 7.93 -9.94 4.19
CA ASN A 92 8.50 -11.12 3.48
C ASN A 92 8.98 -12.15 4.52
N ARG A 93 8.11 -13.05 4.82
CA ARG A 93 8.29 -14.15 5.79
C ARG A 93 8.66 -15.40 4.99
N CYS A 94 9.05 -15.11 3.75
CA CYS A 94 9.41 -16.23 2.84
C CYS A 94 10.92 -16.43 2.85
N ASN A 95 11.61 -15.54 2.18
CA ASN A 95 13.08 -15.59 2.08
C ASN A 95 13.63 -14.19 2.35
N SER A 96 14.94 -14.07 2.28
CA SER A 96 15.61 -12.79 2.56
C SER A 96 16.30 -12.17 1.36
N ASP A 97 15.76 -12.31 0.15
CA ASP A 97 16.46 -11.69 -1.03
C ASP A 97 15.43 -11.29 -2.07
N TRP A 98 14.19 -11.65 -1.71
CA TRP A 98 13.04 -11.33 -2.55
C TRP A 98 13.14 -11.90 -3.97
N SER A 99 13.81 -13.01 -4.04
CA SER A 99 14.02 -13.75 -5.31
C SER A 99 13.04 -14.93 -5.30
N GLY A 100 12.67 -15.36 -6.52
CA GLY A 100 11.74 -16.51 -6.58
C GLY A 100 10.45 -16.18 -7.29
N GLY A 101 10.04 -14.93 -7.18
CA GLY A 101 8.84 -14.37 -7.75
C GLY A 101 8.65 -14.45 -9.25
N LYS A 102 7.61 -13.84 -9.75
CA LYS A 102 7.17 -13.74 -11.15
C LYS A 102 7.63 -12.44 -11.82
N VAL A 103 8.50 -11.75 -11.11
CA VAL A 103 9.13 -10.49 -11.49
C VAL A 103 10.44 -10.43 -10.67
N SER A 104 11.27 -9.50 -11.11
CA SER A 104 12.57 -9.22 -10.51
C SER A 104 12.43 -8.97 -8.98
N ALA A 105 13.52 -9.05 -8.26
CA ALA A 105 13.56 -8.82 -6.82
C ALA A 105 13.40 -7.31 -6.58
N ALA A 106 13.92 -6.53 -7.54
CA ALA A 106 13.82 -5.07 -7.38
C ALA A 106 12.41 -4.60 -7.69
N THR A 107 11.76 -5.21 -8.67
CA THR A 107 10.38 -4.90 -9.05
C THR A 107 9.47 -5.37 -7.89
N ALA A 108 9.81 -6.50 -7.30
CA ALA A 108 9.07 -7.11 -6.18
C ALA A 108 9.12 -6.17 -4.98
N ARG A 109 10.28 -5.73 -4.61
CA ARG A 109 10.45 -4.78 -3.45
C ARG A 109 9.80 -3.44 -3.76
N ALA A 110 9.84 -2.98 -5.04
CA ALA A 110 9.23 -1.68 -5.33
C ALA A 110 7.70 -1.79 -5.25
N ASN A 111 7.18 -2.95 -5.68
CA ASN A 111 5.74 -3.17 -5.63
C ASN A 111 5.32 -3.24 -4.12
N ALA A 112 6.21 -3.85 -3.34
CA ALA A 112 5.99 -4.02 -1.88
C ALA A 112 5.92 -2.69 -1.19
N LEU A 113 6.86 -1.84 -1.59
CA LEU A 113 6.98 -0.49 -1.03
C LEU A 113 5.68 0.28 -1.19
N VAL A 114 5.07 0.19 -2.36
CA VAL A 114 3.78 0.90 -2.54
C VAL A 114 2.76 0.35 -1.57
N THR A 115 2.80 -0.97 -1.44
CA THR A 115 1.78 -1.67 -0.50
C THR A 115 1.94 -1.13 0.91
N MET A 116 3.21 -0.98 1.35
CA MET A 116 3.54 -0.43 2.69
C MET A 116 2.96 0.96 2.88
N TRP A 117 3.11 1.82 1.84
CA TRP A 117 2.58 3.21 1.98
C TRP A 117 1.07 3.19 2.02
N LYS A 118 0.46 2.27 1.24
CA LYS A 118 -1.05 2.15 1.28
C LYS A 118 -1.45 1.69 2.69
N LEU A 119 -0.78 0.71 3.30
CA LEU A 119 -1.06 0.21 4.66
C LEU A 119 -0.88 1.31 5.72
N GLN A 120 0.07 2.18 5.56
CA GLN A 120 0.32 3.27 6.50
C GLN A 120 -0.89 4.19 6.56
N ALA A 121 -1.41 4.56 5.37
CA ALA A 121 -2.59 5.41 5.24
C ALA A 121 -3.78 4.72 5.94
N MET A 122 -3.94 3.46 5.65
CA MET A 122 -5.06 2.67 6.22
C MET A 122 -4.93 2.56 7.77
N ARG A 123 -3.66 2.37 8.20
CA ARG A 123 -3.38 2.29 9.68
C ARG A 123 -3.87 3.55 10.37
N HIS A 124 -3.51 4.72 9.77
CA HIS A 124 -3.97 5.99 10.42
C HIS A 124 -5.45 6.18 10.32
N ALA A 125 -6.09 5.85 9.16
CA ALA A 125 -7.54 6.00 8.98
C ALA A 125 -8.35 5.15 9.99
N MET A 126 -7.81 4.01 10.39
CA MET A 126 -8.41 3.05 11.36
C MET A 126 -8.16 3.41 12.84
N GLY A 127 -7.46 4.48 13.13
CA GLY A 127 -7.22 4.93 14.50
C GLY A 127 -5.87 4.73 15.12
N ASP A 128 -4.83 4.56 14.32
CA ASP A 128 -3.46 4.41 14.78
C ASP A 128 -3.26 3.21 15.69
N LYS A 129 -3.81 2.10 15.33
CA LYS A 129 -3.63 0.86 16.13
C LYS A 129 -2.86 -0.04 15.16
N PRO A 130 -2.02 -0.88 15.73
CA PRO A 130 -1.17 -1.77 14.96
C PRO A 130 -1.95 -2.68 14.01
N ILE A 131 -1.45 -2.78 12.76
CA ILE A 131 -2.12 -3.68 11.79
C ILE A 131 -1.19 -4.93 11.72
N THR A 132 -1.73 -6.09 12.01
CA THR A 132 -0.90 -7.32 11.93
C THR A 132 -0.73 -7.84 10.50
N VAL A 133 0.50 -7.95 10.04
CA VAL A 133 0.86 -8.46 8.69
C VAL A 133 1.33 -9.91 8.94
N ASN A 134 0.65 -10.84 8.31
CA ASN A 134 0.99 -12.25 8.46
C ASN A 134 1.92 -12.79 7.32
N GLY A 135 1.85 -12.11 6.19
CA GLY A 135 2.66 -12.60 5.03
C GLY A 135 2.58 -11.46 3.97
N GLY A 136 3.45 -11.57 2.99
CA GLY A 136 3.55 -10.62 1.90
C GLY A 136 4.06 -11.24 0.61
N PHE A 137 5.38 -11.13 0.45
CA PHE A 137 6.04 -11.68 -0.75
C PHE A 137 6.13 -13.21 -0.55
N ARG A 138 5.97 -13.91 -1.63
CA ARG A 138 6.07 -15.34 -1.76
C ARG A 138 6.76 -15.65 -3.11
N SER A 139 7.90 -16.36 -2.97
CA SER A 139 8.62 -16.81 -4.19
C SER A 139 7.74 -17.95 -4.76
N VAL A 140 8.11 -18.53 -5.89
CA VAL A 140 7.26 -19.64 -6.44
C VAL A 140 7.20 -20.85 -5.51
N THR A 141 8.29 -21.13 -4.83
CA THR A 141 8.37 -22.27 -3.87
C THR A 141 7.41 -22.09 -2.69
N CYS A 142 7.55 -20.88 -2.14
CA CYS A 142 6.77 -20.43 -0.97
C CYS A 142 5.28 -20.51 -1.30
N ASN A 143 4.92 -20.08 -2.49
CA ASN A 143 3.52 -20.03 -2.96
C ASN A 143 2.94 -21.42 -3.10
N SER A 144 3.71 -22.35 -3.57
CA SER A 144 3.30 -23.76 -3.76
C SER A 144 3.23 -24.41 -2.36
N ASN A 145 4.24 -24.10 -1.53
CA ASN A 145 4.25 -24.69 -0.16
C ASN A 145 2.91 -24.38 0.53
N VAL A 146 2.33 -23.25 0.15
CA VAL A 146 1.07 -22.79 0.76
C VAL A 146 -0.16 -23.32 0.00
N GLY A 147 0.08 -23.71 -1.24
CA GLY A 147 -0.94 -24.26 -2.17
C GLY A 147 -1.67 -23.04 -2.75
N GLY A 148 -0.90 -21.96 -2.91
CA GLY A 148 -1.44 -20.70 -3.45
C GLY A 148 -1.88 -20.88 -4.92
N ALA A 149 -2.48 -19.84 -5.47
CA ALA A 149 -2.96 -19.83 -6.88
C ALA A 149 -1.78 -19.46 -7.79
N SER A 150 -1.79 -20.06 -8.97
CA SER A 150 -0.79 -19.88 -10.03
C SER A 150 -0.60 -18.42 -10.41
N ASN A 151 -1.65 -17.66 -10.39
CA ASN A 151 -1.73 -16.24 -10.74
C ASN A 151 -1.41 -15.28 -9.56
N SER A 152 -1.46 -15.76 -8.34
CA SER A 152 -1.23 -15.03 -7.11
C SER A 152 -0.37 -13.79 -7.23
N ARG A 153 -0.94 -12.67 -6.77
CA ARG A 153 -0.23 -11.38 -6.83
C ARG A 153 0.83 -11.36 -5.73
N HIS A 154 0.84 -12.33 -4.84
CA HIS A 154 1.84 -12.40 -3.75
C HIS A 154 3.25 -12.51 -4.33
N MET A 155 3.34 -13.24 -5.43
CA MET A 155 4.61 -13.50 -6.15
C MET A 155 5.09 -12.31 -6.92
N TYR A 156 4.37 -11.19 -6.81
CA TYR A 156 4.70 -9.93 -7.50
C TYR A 156 5.07 -8.87 -6.48
N GLY A 157 4.69 -9.14 -5.23
CA GLY A 157 5.06 -8.13 -4.16
C GLY A 157 3.89 -7.16 -3.96
N HIS A 158 2.81 -7.38 -4.69
CA HIS A 158 1.62 -6.51 -4.58
C HIS A 158 0.70 -6.80 -3.40
N ALA A 159 0.73 -8.03 -2.90
CA ALA A 159 -0.22 -8.37 -1.78
C ALA A 159 0.36 -8.54 -0.40
N ALA A 160 -0.53 -8.50 0.61
CA ALA A 160 -0.21 -8.71 2.03
C ALA A 160 -1.43 -9.44 2.63
N ASP A 161 -1.16 -10.35 3.52
CA ASP A 161 -2.26 -11.07 4.24
C ASP A 161 -2.26 -10.46 5.68
N LEU A 162 -3.41 -9.97 6.09
CA LEU A 162 -3.60 -9.31 7.36
C LEU A 162 -4.29 -10.15 8.43
N GLY A 163 -3.74 -10.04 9.66
CA GLY A 163 -4.45 -10.86 10.76
C GLY A 163 -5.46 -9.91 11.38
N ALA A 164 -6.41 -10.46 12.21
CA ALA A 164 -7.46 -9.63 12.82
C ALA A 164 -7.08 -8.43 13.64
N GLY A 165 -6.12 -8.54 14.54
CA GLY A 165 -5.66 -7.46 15.46
C GLY A 165 -6.88 -6.98 16.20
N SER A 166 -6.82 -5.74 16.68
CA SER A 166 -8.00 -5.20 17.39
C SER A 166 -9.08 -4.74 16.41
N GLN A 167 -8.87 -4.75 15.10
CA GLN A 167 -9.89 -4.26 14.14
C GLN A 167 -10.90 -5.31 13.72
N GLY A 168 -10.37 -6.49 13.44
CA GLY A 168 -11.22 -7.61 12.95
C GLY A 168 -11.07 -7.67 11.43
N PHE A 169 -11.24 -8.84 10.86
CA PHE A 169 -11.10 -9.08 9.41
C PHE A 169 -11.97 -8.22 8.52
N CYS A 170 -13.23 -8.09 8.94
CA CYS A 170 -14.20 -7.34 8.12
C CYS A 170 -13.91 -5.85 8.10
N ALA A 171 -13.56 -5.30 9.27
CA ALA A 171 -13.25 -3.88 9.32
C ALA A 171 -12.06 -3.58 8.38
N LEU A 172 -11.12 -4.53 8.37
CA LEU A 172 -9.93 -4.34 7.49
C LEU A 172 -10.34 -4.42 6.01
N ALA A 173 -11.16 -5.38 5.67
CA ALA A 173 -11.55 -5.54 4.22
C ALA A 173 -12.38 -4.37 3.78
N GLN A 174 -13.20 -3.82 4.68
CA GLN A 174 -14.04 -2.68 4.31
C GLN A 174 -13.19 -1.40 4.10
N ALA A 175 -12.26 -1.18 5.00
CA ALA A 175 -11.44 0.08 4.84
C ALA A 175 -10.55 -0.04 3.62
N ALA A 176 -10.10 -1.23 3.28
CA ALA A 176 -9.15 -1.44 2.15
C ALA A 176 -9.63 -0.89 0.81
N ARG A 177 -10.93 -0.76 0.70
CA ARG A 177 -11.71 -0.24 -0.43
C ARG A 177 -11.37 1.22 -0.70
N ASN A 178 -10.91 1.91 0.38
CA ASN A 178 -10.51 3.32 0.26
C ASN A 178 -9.04 3.60 0.04
N HIS A 179 -8.21 2.57 -0.01
CA HIS A 179 -6.81 2.73 -0.10
C HIS A 179 -5.98 2.18 -1.22
N GLY A 180 -6.62 1.98 -2.37
CA GLY A 180 -5.89 1.52 -3.58
C GLY A 180 -5.61 0.05 -3.71
N PHE A 181 -6.42 -0.76 -3.00
CA PHE A 181 -6.26 -2.23 -3.09
C PHE A 181 -7.32 -2.63 -4.11
N THR A 182 -6.93 -3.16 -5.26
CA THR A 182 -7.85 -3.55 -6.34
C THR A 182 -8.34 -4.97 -6.14
N GLU A 183 -7.57 -5.73 -5.34
CA GLU A 183 -7.92 -7.10 -5.03
C GLU A 183 -8.12 -7.24 -3.51
N ILE A 184 -9.33 -7.57 -3.10
CA ILE A 184 -9.52 -7.73 -1.60
C ILE A 184 -10.31 -9.04 -1.38
N LEU A 185 -9.72 -9.95 -0.63
CA LEU A 185 -10.49 -11.23 -0.41
C LEU A 185 -10.58 -11.44 1.10
N GLY A 186 -11.71 -11.82 1.60
CA GLY A 186 -11.86 -12.01 3.06
C GLY A 186 -13.06 -12.94 3.34
N PRO A 187 -13.46 -12.88 4.62
CA PRO A 187 -14.56 -13.69 5.10
C PRO A 187 -15.70 -13.99 4.14
N GLY A 188 -15.89 -15.29 3.93
CA GLY A 188 -17.00 -15.82 3.10
C GLY A 188 -16.52 -16.20 1.72
N TYR A 189 -15.27 -15.79 1.45
CA TYR A 189 -14.65 -16.17 0.13
C TYR A 189 -13.79 -17.40 0.46
N PRO A 190 -13.88 -18.43 -0.38
CA PRO A 190 -13.15 -19.66 -0.16
C PRO A 190 -11.70 -19.53 0.20
N GLY A 191 -11.37 -20.11 1.36
CA GLY A 191 -10.03 -20.14 1.92
C GLY A 191 -9.57 -18.80 2.47
N HIS A 192 -10.50 -17.91 2.73
CA HIS A 192 -10.18 -16.57 3.23
C HIS A 192 -10.96 -16.19 4.45
N ASN A 193 -11.25 -17.14 5.34
CA ASN A 193 -11.99 -16.72 6.57
C ASN A 193 -11.00 -16.31 7.73
N ASP A 194 -9.80 -16.84 7.59
N ASP A 194 -9.80 -16.84 7.59
CA ASP A 194 -8.81 -16.62 8.73
CA ASP A 194 -8.81 -16.62 8.73
C ASP A 194 -7.75 -15.49 8.32
C ASP A 194 -7.75 -15.50 8.32
N HIS A 195 -8.18 -14.50 7.58
CA HIS A 195 -7.20 -13.43 7.21
C HIS A 195 -7.89 -12.61 6.14
N THR A 196 -7.36 -11.42 6.04
CA THR A 196 -7.94 -10.53 4.99
C THR A 196 -6.78 -10.35 3.99
N HIS A 197 -7.02 -10.65 2.73
CA HIS A 197 -6.01 -10.51 1.65
C HIS A 197 -6.26 -9.16 0.96
N VAL A 198 -5.17 -8.34 0.89
CA VAL A 198 -5.29 -7.04 0.16
C VAL A 198 -4.15 -7.03 -0.89
N ALA A 199 -4.44 -6.53 -2.12
CA ALA A 199 -3.36 -6.47 -3.12
C ALA A 199 -3.61 -5.32 -4.09
N GLY A 200 -2.48 -4.78 -4.52
CA GLY A 200 -2.47 -3.67 -5.55
C GLY A 200 -2.36 -4.41 -6.93
N GLY A 201 -2.17 -3.65 -8.00
CA GLY A 201 -2.04 -4.27 -9.35
C GLY A 201 -3.27 -3.99 -10.17
N ASP A 202 -3.18 -4.20 -11.50
CA ASP A 202 -4.34 -3.97 -12.41
C ASP A 202 -5.47 -4.97 -12.26
N GLY A 203 -6.69 -4.52 -12.35
CA GLY A 203 -7.89 -5.33 -12.28
C GLY A 203 -8.44 -5.57 -10.89
N ARG A 204 -9.61 -5.01 -10.75
CA ARG A 204 -10.41 -5.00 -9.51
C ARG A 204 -11.20 -6.26 -9.35
N PHE A 205 -11.01 -6.91 -8.19
CA PHE A 205 -11.73 -8.13 -7.81
C PHE A 205 -11.87 -8.05 -6.25
N TRP A 206 -13.07 -7.72 -5.86
CA TRP A 206 -13.40 -7.59 -4.41
C TRP A 206 -14.40 -8.66 -3.93
N SER A 207 -13.98 -9.53 -2.96
CA SER A 207 -15.02 -10.48 -2.49
C SER A 207 -14.74 -10.86 -1.04
N ALA A 208 -15.69 -10.57 -0.17
CA ALA A 208 -15.70 -10.90 1.27
C ALA A 208 -17.20 -10.87 1.69
N PRO A 209 -17.91 -11.85 1.16
CA PRO A 209 -19.36 -11.96 1.39
C PRO A 209 -19.79 -11.82 2.81
N SER A 210 -19.05 -12.40 3.77
CA SER A 210 -19.44 -12.27 5.19
C SER A 210 -19.26 -10.88 5.74
N CYS A 211 -18.56 -10.05 4.96
CA CYS A 211 -18.31 -8.68 5.39
C CYS A 211 -19.14 -7.65 4.63
N GLY A 212 -20.06 -8.15 3.81
CA GLY A 212 -20.95 -7.31 3.01
C GLY A 212 -20.42 -6.94 1.61
N ILE A 213 -19.20 -7.36 1.29
CA ILE A 213 -18.57 -7.07 -0.02
C ILE A 213 -18.79 -8.13 -1.07
ZN ZN B . -3.12 -13.35 0.31
#